data_7RUM
#
_entry.id   7RUM
#
_cell.length_a   106.928
_cell.length_b   106.928
_cell.length_c   369.259
_cell.angle_alpha   90.000
_cell.angle_beta   90.000
_cell.angle_gamma   120.000
#
_symmetry.space_group_name_H-M   'P 65 2 2'
#
loop_
_entity.id
_entity.type
_entity.pdbx_description
1 polymer Endolysin
2 non-polymer GLYCEROL
3 water water
#
_entity_poly.entity_id   1
_entity_poly.type   'polypeptide(L)'
_entity_poly.pdbx_seq_one_letter_code
;MGSSHHHHHHSSGENLYFQGHMAILKLGNRGSEVKSLQQSLNKIGFSLVADGIFGKATENAVKSVQAGAGLVIDGIAGPK
TFYAIRNAGDAHQEHLTEADLVDAARELGVELASMKAVNQVESRGTGFTKTGKIKTLFERHIMYKKVAAKFGQARANALY
QLYPTLVNPNSGGYIGGDAELERLQGAIALDEDCAYESASYGLFQIMGFNCQICGYPNAKEMFTDFLTGERAHLLAFVKF
IKADANMWKALKNKNWAEFARRYNGPAYAKNQYDTKLAAAYKSFC
;
_entity_poly.pdbx_strand_id   A,B
#
# COMPACT_ATOMS: atom_id res chain seq x y z
N ALA A 23 21.89 -3.58 -24.34
CA ALA A 23 21.28 -3.61 -23.01
C ALA A 23 19.77 -3.76 -23.12
N ILE A 24 19.32 -4.67 -23.98
CA ILE A 24 17.90 -4.89 -24.23
C ILE A 24 17.35 -5.87 -23.20
N LEU A 25 18.14 -6.15 -22.16
CA LEU A 25 17.74 -7.17 -21.18
C LEU A 25 16.39 -6.84 -20.55
N LYS A 26 16.25 -5.63 -20.01
CA LYS A 26 15.01 -5.17 -19.39
C LYS A 26 14.62 -3.82 -19.96
N LEU A 27 13.32 -3.52 -19.94
CA LEU A 27 12.80 -2.28 -20.51
C LEU A 27 11.68 -1.76 -19.61
N GLY A 28 11.96 -0.69 -18.86
CA GLY A 28 10.96 -0.08 -18.02
C GLY A 28 10.21 1.08 -18.63
N ASN A 29 10.88 2.23 -18.77
CA ASN A 29 10.29 3.45 -19.33
C ASN A 29 11.30 4.20 -20.19
N ARG A 30 12.08 3.48 -20.98
CA ARG A 30 13.18 4.08 -21.74
C ARG A 30 12.79 4.35 -23.18
N GLY A 31 13.56 5.24 -23.82
CA GLY A 31 13.46 5.48 -25.26
C GLY A 31 14.68 4.86 -25.94
N SER A 32 14.45 3.81 -26.70
CA SER A 32 15.55 2.95 -27.16
C SER A 32 15.12 2.26 -28.45
N GLU A 33 15.69 1.08 -28.72
CA GLU A 33 15.13 0.19 -29.72
C GLU A 33 13.91 -0.47 -29.08
N VAL A 34 13.29 0.25 -28.14
CA VAL A 34 11.99 -0.13 -27.60
C VAL A 34 10.98 -0.15 -28.73
N LYS A 35 11.22 0.62 -29.79
CA LYS A 35 10.37 0.56 -30.97
C LYS A 35 10.25 -0.88 -31.44
N SER A 36 11.39 -1.58 -31.48
CA SER A 36 11.37 -2.99 -31.86
C SER A 36 10.36 -3.75 -31.01
N LEU A 37 10.45 -3.57 -29.68
CA LEU A 37 9.48 -4.22 -28.81
C LEU A 37 8.07 -3.90 -29.26
N GLN A 38 7.78 -2.61 -29.47
CA GLN A 38 6.43 -2.24 -29.89
C GLN A 38 6.07 -2.90 -31.21
N GLN A 39 7.01 -2.93 -32.16
CA GLN A 39 6.74 -3.66 -33.39
C GLN A 39 6.36 -5.09 -33.09
N SER A 40 7.16 -5.78 -32.27
CA SER A 40 6.85 -7.16 -31.92
C SER A 40 5.47 -7.25 -31.27
N LEU A 41 5.14 -6.28 -30.41
CA LEU A 41 3.82 -6.31 -29.79
C LEU A 41 2.73 -6.21 -30.84
N ASN A 42 2.89 -5.30 -31.81
CA ASN A 42 1.91 -5.19 -32.88
C ASN A 42 1.81 -6.49 -33.66
N LYS A 43 2.91 -7.26 -33.70
CA LYS A 43 2.88 -8.51 -34.45
C LYS A 43 1.99 -9.56 -33.78
N ILE A 44 1.67 -9.39 -32.50
CA ILE A 44 0.86 -10.36 -31.79
C ILE A 44 -0.52 -9.80 -31.46
N GLY A 45 -0.98 -8.80 -32.21
CA GLY A 45 -2.30 -8.26 -32.02
C GLY A 45 -2.39 -7.01 -31.18
N PHE A 46 -1.39 -6.13 -31.24
CA PHE A 46 -1.40 -4.89 -30.49
C PHE A 46 -1.38 -3.72 -31.47
N SER A 47 -1.86 -2.57 -30.99
CA SER A 47 -1.96 -1.37 -31.80
C SER A 47 -1.15 -0.23 -31.19
N LEU A 48 0.07 -0.54 -30.75
CA LEU A 48 0.96 0.50 -30.27
C LEU A 48 1.49 1.33 -31.44
N VAL A 49 1.86 2.58 -31.13
CA VAL A 49 2.26 3.51 -32.18
C VAL A 49 3.63 3.21 -32.77
N ALA A 50 4.42 2.33 -32.12
CA ALA A 50 5.77 2.04 -32.58
C ALA A 50 6.66 3.28 -32.53
N ASP A 51 6.38 4.17 -31.57
CA ASP A 51 7.11 5.42 -31.45
C ASP A 51 8.55 5.23 -31.00
N GLY A 52 8.88 4.10 -30.38
CA GLY A 52 10.17 3.90 -29.78
C GLY A 52 10.28 4.41 -28.36
N ILE A 53 9.20 4.97 -27.80
CA ILE A 53 9.17 5.47 -26.44
C ILE A 53 8.28 4.57 -25.60
N PHE A 54 8.77 4.17 -24.43
CA PHE A 54 8.05 3.27 -23.53
C PHE A 54 7.01 4.08 -22.76
N GLY A 55 5.88 4.35 -23.42
CA GLY A 55 4.80 5.09 -22.81
C GLY A 55 3.94 4.20 -21.92
N LYS A 56 2.91 4.83 -21.35
CA LYS A 56 1.96 4.06 -20.55
C LYS A 56 1.20 3.07 -21.41
N ALA A 57 1.01 3.39 -22.70
CA ALA A 57 0.42 2.42 -23.62
C ALA A 57 1.32 1.20 -23.76
N THR A 58 2.62 1.42 -23.91
CA THR A 58 3.56 0.31 -24.03
C THR A 58 3.58 -0.52 -22.75
N GLU A 59 3.58 0.15 -21.60
CA GLU A 59 3.56 -0.56 -20.32
C GLU A 59 2.30 -1.39 -20.18
N ASN A 60 1.15 -0.83 -20.61
CA ASN A 60 -0.10 -1.58 -20.53
C ASN A 60 -0.07 -2.79 -21.46
N ALA A 61 0.51 -2.63 -22.65
CA ALA A 61 0.62 -3.78 -23.55
C ALA A 61 1.49 -4.87 -22.94
N VAL A 62 2.61 -4.50 -22.32
CA VAL A 62 3.46 -5.48 -21.67
C VAL A 62 2.71 -6.17 -20.53
N LYS A 63 1.96 -5.39 -19.74
CA LYS A 63 1.19 -5.95 -18.65
C LYS A 63 0.14 -6.93 -19.17
N SER A 64 -0.49 -6.59 -20.29
CA SER A 64 -1.46 -7.49 -20.91
C SER A 64 -0.79 -8.79 -21.35
N VAL A 65 0.40 -8.70 -21.95
CA VAL A 65 1.12 -9.89 -22.35
C VAL A 65 1.41 -10.77 -21.13
N GLN A 66 1.87 -10.14 -20.04
CA GLN A 66 2.18 -10.91 -18.83
C GLN A 66 0.94 -11.57 -18.27
N ALA A 67 -0.19 -10.85 -18.24
CA ALA A 67 -1.43 -11.43 -17.74
C ALA A 67 -1.87 -12.60 -18.60
N GLY A 68 -1.77 -12.46 -19.93
CA GLY A 68 -2.15 -13.56 -20.80
C GLY A 68 -1.27 -14.77 -20.63
N ALA A 69 0.02 -14.57 -20.37
CA ALA A 69 0.94 -15.69 -20.20
C ALA A 69 0.93 -16.27 -18.79
N GLY A 70 0.27 -15.62 -17.84
CA GLY A 70 0.33 -16.06 -16.46
C GLY A 70 1.55 -15.58 -15.70
N LEU A 71 2.40 -14.77 -16.32
CA LEU A 71 3.62 -14.31 -15.69
C LEU A 71 3.32 -13.30 -14.60
N VAL A 72 4.36 -12.94 -13.84
CA VAL A 72 4.23 -11.85 -12.88
C VAL A 72 3.96 -10.56 -13.64
N ILE A 73 2.89 -9.86 -13.25
CA ILE A 73 2.48 -8.63 -13.92
C ILE A 73 3.22 -7.48 -13.25
N ASP A 74 4.19 -6.90 -13.95
CA ASP A 74 4.94 -5.78 -13.43
C ASP A 74 5.20 -4.67 -14.43
N GLY A 75 4.89 -4.86 -15.71
CA GLY A 75 5.15 -3.85 -16.71
C GLY A 75 6.56 -3.82 -17.23
N ILE A 76 7.42 -4.73 -16.79
CA ILE A 76 8.83 -4.73 -17.14
C ILE A 76 9.02 -5.75 -18.26
N ALA A 77 9.59 -5.32 -19.38
CA ALA A 77 9.86 -6.20 -20.50
C ALA A 77 11.14 -6.99 -20.21
N GLY A 78 10.98 -7.99 -19.34
CA GLY A 78 12.08 -8.85 -18.98
C GLY A 78 12.27 -9.98 -19.96
N PRO A 79 13.32 -10.77 -19.72
CA PRO A 79 13.53 -11.96 -20.58
C PRO A 79 12.33 -12.88 -20.61
N LYS A 80 11.63 -13.03 -19.49
CA LYS A 80 10.42 -13.86 -19.46
C LYS A 80 9.34 -13.28 -20.37
N THR A 81 9.11 -11.98 -20.26
CA THR A 81 8.12 -11.33 -21.12
C THR A 81 8.51 -11.45 -22.59
N PHE A 82 9.80 -11.28 -22.88
CA PHE A 82 10.26 -11.41 -24.26
C PHE A 82 10.05 -12.83 -24.78
N TYR A 83 10.33 -13.83 -23.95
CA TYR A 83 10.06 -15.20 -24.35
C TYR A 83 8.59 -15.39 -24.67
N ALA A 84 7.71 -14.82 -23.85
CA ALA A 84 6.29 -14.92 -24.13
C ALA A 84 5.94 -14.25 -25.45
N ILE A 85 6.55 -13.09 -25.73
CA ILE A 85 6.24 -12.35 -26.95
C ILE A 85 6.67 -13.13 -28.18
N ARG A 86 7.88 -13.68 -28.17
CA ARG A 86 8.35 -14.50 -29.28
C ARG A 86 7.64 -15.85 -29.39
N ASN A 87 6.83 -16.23 -28.42
CA ASN A 87 6.15 -17.52 -28.42
C ASN A 87 4.64 -17.37 -28.35
N ALA A 88 4.12 -16.28 -28.91
CA ALA A 88 2.67 -16.09 -29.08
C ALA A 88 1.93 -16.16 -27.74
N GLY A 89 2.43 -15.39 -26.78
CA GLY A 89 1.76 -15.24 -25.51
C GLY A 89 1.92 -16.38 -24.54
N ASP A 90 2.76 -17.37 -24.86
CA ASP A 90 2.99 -18.51 -23.99
C ASP A 90 4.32 -18.32 -23.27
N ALA A 91 4.30 -18.51 -21.95
CA ALA A 91 5.50 -18.36 -21.14
C ALA A 91 6.12 -19.73 -20.86
N HIS A 92 7.43 -19.73 -20.64
CA HIS A 92 8.11 -20.96 -20.28
C HIS A 92 7.67 -21.43 -18.91
N GLN A 93 7.47 -22.74 -18.77
CA GLN A 93 6.92 -23.29 -17.53
C GLN A 93 7.81 -23.02 -16.33
N GLU A 94 9.11 -22.81 -16.53
CA GLU A 94 10.01 -22.55 -15.41
C GLU A 94 10.04 -21.08 -15.00
N HIS A 95 9.32 -20.22 -15.70
CA HIS A 95 9.29 -18.80 -15.36
C HIS A 95 8.32 -18.55 -14.20
N LEU A 96 8.68 -17.58 -13.37
CA LEU A 96 7.89 -17.27 -12.18
C LEU A 96 6.57 -16.62 -12.59
N THR A 97 5.47 -17.08 -12.01
CA THR A 97 4.15 -16.61 -12.37
C THR A 97 3.57 -15.77 -11.24
N GLU A 98 2.52 -15.01 -11.57
CA GLU A 98 1.82 -14.24 -10.56
C GLU A 98 1.26 -15.15 -9.47
N ALA A 99 0.73 -16.31 -9.86
CA ALA A 99 0.23 -17.26 -8.87
C ALA A 99 1.33 -17.69 -7.91
N ASP A 100 2.55 -17.88 -8.42
CA ASP A 100 3.67 -18.22 -7.54
C ASP A 100 3.87 -17.15 -6.49
N LEU A 101 3.85 -15.88 -6.90
CA LEU A 101 4.04 -14.79 -5.95
C LEU A 101 2.90 -14.72 -4.95
N VAL A 102 1.67 -14.97 -5.41
CA VAL A 102 0.53 -14.99 -4.50
C VAL A 102 0.71 -16.08 -3.46
N ASP A 103 1.14 -17.26 -3.89
CA ASP A 103 1.36 -18.36 -2.96
C ASP A 103 2.45 -18.00 -1.94
N ALA A 104 3.53 -17.37 -2.42
CA ALA A 104 4.60 -16.97 -1.51
C ALA A 104 4.10 -15.96 -0.49
N ALA A 105 3.33 -14.97 -0.94
CA ALA A 105 2.77 -13.99 -0.02
C ALA A 105 1.86 -14.65 1.00
N ARG A 106 1.03 -15.60 0.55
CA ARG A 106 0.16 -16.32 1.46
C ARG A 106 0.98 -17.04 2.53
N GLU A 107 1.97 -17.82 2.11
CA GLU A 107 2.78 -18.56 3.07
C GLU A 107 3.53 -17.62 4.01
N LEU A 108 3.84 -16.40 3.56
CA LEU A 108 4.53 -15.43 4.39
C LEU A 108 3.58 -14.53 5.18
N GLY A 109 2.28 -14.59 4.91
CA GLY A 109 1.34 -13.75 5.62
C GLY A 109 1.54 -12.27 5.37
N VAL A 110 1.87 -11.88 4.14
CA VAL A 110 2.04 -10.48 3.77
C VAL A 110 1.20 -10.21 2.53
N GLU A 111 0.99 -8.92 2.25
CA GLU A 111 0.23 -8.55 1.07
C GLU A 111 1.00 -8.94 -0.19
N LEU A 112 0.25 -9.16 -1.27
CA LEU A 112 0.88 -9.46 -2.54
C LEU A 112 1.83 -8.34 -2.97
N ALA A 113 1.50 -7.09 -2.66
CA ALA A 113 2.34 -5.99 -3.06
C ALA A 113 3.73 -6.08 -2.42
N SER A 114 3.78 -6.42 -1.13
CA SER A 114 5.06 -6.59 -0.46
C SER A 114 5.87 -7.71 -1.09
N MET A 115 5.22 -8.85 -1.37
CA MET A 115 5.92 -9.96 -1.99
C MET A 115 6.45 -9.59 -3.36
N LYS A 116 5.64 -8.88 -4.15
CA LYS A 116 6.07 -8.47 -5.49
C LYS A 116 7.23 -7.49 -5.41
N ALA A 117 7.20 -6.57 -4.44
CA ALA A 117 8.30 -5.64 -4.27
C ALA A 117 9.59 -6.37 -3.90
N VAL A 118 9.49 -7.30 -2.94
CA VAL A 118 10.68 -8.04 -2.53
C VAL A 118 11.23 -8.86 -3.69
N ASN A 119 10.34 -9.48 -4.46
CA ASN A 119 10.77 -10.21 -5.65
C ASN A 119 11.51 -9.29 -6.62
N GLN A 120 10.93 -8.12 -6.89
CA GLN A 120 11.52 -7.21 -7.87
C GLN A 120 12.91 -6.76 -7.43
N VAL A 121 13.09 -6.46 -6.14
CA VAL A 121 14.34 -5.88 -5.67
C VAL A 121 15.39 -6.94 -5.35
N GLU A 122 15.01 -8.02 -4.68
CA GLU A 122 15.98 -8.95 -4.08
C GLU A 122 16.36 -10.11 -4.98
N SER A 123 15.44 -10.57 -5.82
CA SER A 123 15.75 -11.68 -6.71
C SER A 123 16.77 -11.26 -7.75
N ARG A 124 17.50 -12.24 -8.27
CA ARG A 124 18.25 -11.98 -9.47
C ARG A 124 17.27 -11.98 -10.64
N GLY A 125 17.71 -11.44 -11.76
CA GLY A 125 16.80 -11.31 -12.89
C GLY A 125 15.97 -12.57 -13.12
N THR A 126 16.66 -13.66 -13.46
CA THR A 126 16.04 -14.93 -13.77
C THR A 126 16.74 -16.04 -13.02
N GLY A 127 16.01 -17.11 -12.73
CA GLY A 127 16.62 -18.22 -12.02
C GLY A 127 17.48 -19.14 -12.88
N PHE A 128 17.43 -18.97 -14.20
CA PHE A 128 18.19 -19.80 -15.13
C PHE A 128 18.86 -18.91 -16.16
N THR A 129 19.96 -19.43 -16.73
CA THR A 129 20.72 -18.66 -17.71
C THR A 129 20.05 -18.71 -19.09
N LYS A 130 20.70 -18.07 -20.05
CA LYS A 130 20.20 -18.01 -21.42
C LYS A 130 20.05 -19.39 -22.04
N THR A 131 20.83 -20.37 -21.58
CA THR A 131 20.78 -21.72 -22.11
C THR A 131 19.89 -22.65 -21.30
N GLY A 132 19.17 -22.14 -20.30
CA GLY A 132 18.30 -22.95 -19.48
C GLY A 132 18.96 -23.61 -18.30
N LYS A 133 20.28 -23.51 -18.17
CA LYS A 133 20.96 -24.04 -17.01
C LYS A 133 20.66 -23.15 -15.81
N ILE A 134 20.58 -23.74 -14.63
CA ILE A 134 20.24 -22.95 -13.45
C ILE A 134 21.39 -22.00 -13.14
N LYS A 135 21.03 -20.83 -12.60
CA LYS A 135 22.04 -19.83 -12.23
C LYS A 135 22.84 -20.34 -11.05
N THR A 136 24.15 -20.44 -11.21
CA THR A 136 25.02 -20.99 -10.18
C THR A 136 26.23 -20.10 -9.98
N LEU A 137 26.69 -20.06 -8.73
CA LEU A 137 27.99 -19.49 -8.38
C LEU A 137 28.65 -20.43 -7.40
N PHE A 138 29.83 -20.92 -7.74
CA PHE A 138 30.55 -21.87 -6.90
C PHE A 138 31.51 -21.11 -5.99
N GLU A 139 31.39 -21.34 -4.68
CA GLU A 139 32.18 -20.65 -3.67
C GLU A 139 33.28 -21.59 -3.20
N ARG A 140 34.49 -21.36 -3.69
CA ARG A 140 35.59 -22.30 -3.43
C ARG A 140 36.02 -22.28 -1.97
N HIS A 141 35.87 -21.16 -1.27
CA HIS A 141 36.24 -21.15 0.14
C HIS A 141 35.26 -22.00 0.96
N ILE A 142 33.99 -22.01 0.59
CA ILE A 142 33.07 -22.94 1.22
C ILE A 142 33.47 -24.37 0.91
N MET A 143 33.92 -24.61 -0.33
CA MET A 143 34.45 -25.92 -0.67
C MET A 143 35.57 -26.32 0.28
N TYR A 144 36.50 -25.39 0.53
CA TYR A 144 37.62 -25.68 1.41
C TYR A 144 37.14 -25.96 2.83
N LYS A 145 36.23 -25.14 3.34
CA LYS A 145 35.74 -25.32 4.70
C LYS A 145 35.05 -26.68 4.84
N LYS A 146 34.18 -27.00 3.89
CA LYS A 146 33.46 -28.28 3.95
C LYS A 146 34.41 -29.46 3.84
N VAL A 147 35.38 -29.39 2.91
CA VAL A 147 36.32 -30.49 2.73
C VAL A 147 37.15 -30.69 3.99
N ALA A 148 37.64 -29.59 4.57
CA ALA A 148 38.40 -29.71 5.81
C ALA A 148 37.56 -30.31 6.93
N ALA A 149 36.30 -29.87 7.05
CA ALA A 149 35.44 -30.40 8.10
C ALA A 149 35.14 -31.88 7.90
N LYS A 150 35.01 -32.33 6.65
CA LYS A 150 34.61 -33.71 6.39
C LYS A 150 35.81 -34.64 6.46
N PHE A 151 36.95 -34.21 5.95
CA PHE A 151 38.17 -35.01 5.90
C PHE A 151 39.23 -34.28 6.72
N GLY A 152 40.45 -34.81 6.71
CA GLY A 152 41.52 -34.13 7.42
C GLY A 152 41.78 -32.76 6.86
N GLN A 153 42.17 -31.83 7.74
CA GLN A 153 42.63 -30.55 7.22
C GLN A 153 43.79 -30.76 6.26
N ALA A 154 44.52 -31.85 6.43
CA ALA A 154 45.61 -32.19 5.52
C ALA A 154 45.09 -32.40 4.10
N ARG A 155 43.99 -33.16 3.94
CA ARG A 155 43.45 -33.35 2.60
C ARG A 155 42.89 -32.05 2.05
N ALA A 156 42.33 -31.20 2.92
CA ALA A 156 41.90 -29.88 2.47
C ALA A 156 43.07 -29.09 1.90
N ASN A 157 44.21 -29.09 2.60
CA ASN A 157 45.39 -28.40 2.11
C ASN A 157 45.88 -28.99 0.80
N ALA A 158 45.91 -30.32 0.70
CA ALA A 158 46.38 -30.95 -0.53
C ALA A 158 45.48 -30.59 -1.71
N LEU A 159 44.16 -30.61 -1.50
CA LEU A 159 43.24 -30.22 -2.56
C LEU A 159 43.34 -28.74 -2.89
N TYR A 160 43.67 -27.91 -1.90
CA TYR A 160 43.98 -26.51 -2.17
C TYR A 160 45.16 -26.41 -3.11
N GLN A 161 46.22 -27.17 -2.84
CA GLN A 161 47.40 -27.12 -3.70
C GLN A 161 47.08 -27.60 -5.11
N LEU A 162 46.30 -28.69 -5.22
CA LEU A 162 46.07 -29.31 -6.52
C LEU A 162 45.05 -28.55 -7.35
N TYR A 163 43.95 -28.10 -6.73
CA TYR A 163 42.85 -27.44 -7.46
C TYR A 163 42.48 -26.16 -6.74
N PRO A 164 43.35 -25.15 -6.77
CA PRO A 164 43.07 -23.90 -6.03
C PRO A 164 41.84 -23.16 -6.55
N THR A 165 41.40 -23.45 -7.77
CA THR A 165 40.19 -22.84 -8.28
C THR A 165 38.93 -23.47 -7.71
N LEU A 166 39.00 -24.71 -7.22
CA LEU A 166 37.86 -25.42 -6.66
C LEU A 166 37.90 -25.50 -5.14
N VAL A 167 39.06 -25.75 -4.56
CA VAL A 167 39.24 -25.77 -3.11
C VAL A 167 40.30 -24.73 -2.76
N ASN A 168 39.92 -23.77 -1.91
CA ASN A 168 40.80 -22.66 -1.57
C ASN A 168 40.28 -21.93 -0.34
N PRO A 169 41.15 -21.62 0.62
CA PRO A 169 40.69 -20.88 1.80
C PRO A 169 40.11 -19.52 1.46
N ASN A 170 40.58 -18.88 0.40
CA ASN A 170 40.18 -17.51 0.07
C ASN A 170 39.02 -17.50 -0.91
N SER A 171 38.41 -16.32 -1.07
CA SER A 171 37.19 -16.19 -1.85
C SER A 171 37.42 -16.57 -3.31
N GLY A 172 36.39 -17.11 -3.93
CA GLY A 172 36.55 -17.87 -5.15
C GLY A 172 37.09 -17.05 -6.30
N GLY A 173 37.73 -17.76 -7.23
CA GLY A 173 38.11 -17.21 -8.51
C GLY A 173 37.00 -17.43 -9.53
N TYR A 174 35.93 -16.64 -9.42
CA TYR A 174 34.73 -16.88 -10.20
C TYR A 174 34.97 -16.64 -11.68
N ILE A 175 34.06 -17.17 -12.49
CA ILE A 175 33.97 -16.87 -13.93
C ILE A 175 32.52 -16.66 -14.30
N GLY A 176 32.25 -16.51 -15.60
CA GLY A 176 30.89 -16.32 -16.09
C GLY A 176 29.88 -17.30 -15.52
N GLY A 177 28.60 -16.98 -15.65
CA GLY A 177 27.58 -17.73 -14.94
C GLY A 177 27.53 -19.20 -15.33
N ASP A 178 27.54 -19.49 -16.64
CA ASP A 178 27.35 -20.87 -17.08
C ASP A 178 28.50 -21.76 -16.67
N ALA A 179 29.73 -21.23 -16.68
CA ALA A 179 30.89 -22.02 -16.29
C ALA A 179 30.83 -22.46 -14.84
N GLU A 180 30.07 -21.75 -14.00
CA GLU A 180 29.98 -22.14 -12.60
C GLU A 180 29.46 -23.56 -12.46
N LEU A 181 28.63 -24.01 -13.40
CA LEU A 181 28.20 -25.40 -13.38
C LEU A 181 29.37 -26.35 -13.65
N GLU A 182 30.30 -25.96 -14.53
CA GLU A 182 31.50 -26.76 -14.73
C GLU A 182 32.33 -26.82 -13.46
N ARG A 183 32.47 -25.68 -12.79
CA ARG A 183 33.18 -25.67 -11.50
C ARG A 183 32.50 -26.59 -10.49
N LEU A 184 31.16 -26.56 -10.44
CA LEU A 184 30.45 -27.43 -9.52
C LEU A 184 30.69 -28.90 -9.85
N GLN A 185 30.67 -29.26 -11.14
CA GLN A 185 30.94 -30.66 -11.50
C GLN A 185 32.36 -31.06 -11.10
N GLY A 186 33.33 -30.18 -11.36
CA GLY A 186 34.69 -30.48 -10.96
C GLY A 186 34.81 -30.71 -9.47
N ALA A 187 34.10 -29.91 -8.67
CA ALA A 187 34.12 -30.11 -7.23
C ALA A 187 33.44 -31.42 -6.84
N ILE A 188 32.30 -31.74 -7.48
CA ILE A 188 31.61 -32.98 -7.20
C ILE A 188 32.53 -34.16 -7.46
N ALA A 189 33.38 -34.05 -8.48
CA ALA A 189 34.38 -35.07 -8.73
C ALA A 189 35.22 -35.35 -7.49
N LEU A 190 35.46 -34.32 -6.67
CA LEU A 190 36.20 -34.50 -5.42
C LEU A 190 35.29 -35.04 -4.32
N ASP A 191 34.20 -34.33 -4.03
CA ASP A 191 33.17 -34.87 -3.16
C ASP A 191 31.84 -34.23 -3.50
N GLU A 192 30.81 -35.07 -3.72
CA GLU A 192 29.52 -34.57 -4.17
C GLU A 192 28.85 -33.71 -3.10
N ASP A 193 28.77 -34.21 -1.87
CA ASP A 193 28.05 -33.49 -0.83
C ASP A 193 28.65 -32.11 -0.60
N CYS A 194 29.98 -32.06 -0.43
CA CYS A 194 30.64 -30.77 -0.21
C CYS A 194 30.43 -29.84 -1.39
N ALA A 195 30.57 -30.36 -2.61
CA ALA A 195 30.43 -29.51 -3.80
C ALA A 195 29.03 -28.90 -3.86
N TYR A 196 28.00 -29.73 -3.67
CA TYR A 196 26.63 -29.20 -3.73
C TYR A 196 26.38 -28.22 -2.60
N GLU A 197 27.00 -28.42 -1.44
CA GLU A 197 26.84 -27.48 -0.35
C GLU A 197 27.63 -26.20 -0.55
N SER A 198 28.60 -26.18 -1.47
CA SER A 198 29.51 -25.06 -1.64
C SER A 198 29.17 -24.19 -2.84
N ALA A 199 27.91 -24.16 -3.26
CA ALA A 199 27.50 -23.34 -4.38
C ALA A 199 26.10 -22.77 -4.15
N SER A 200 25.84 -21.62 -4.75
CA SER A 200 24.55 -20.95 -4.67
C SER A 200 23.83 -21.06 -6.01
N TYR A 201 22.52 -21.29 -5.95
CA TYR A 201 21.74 -21.59 -7.14
C TYR A 201 20.47 -20.73 -7.17
N GLY A 202 20.00 -20.46 -8.38
CA GLY A 202 18.64 -20.05 -8.59
C GLY A 202 18.35 -18.56 -8.50
N LEU A 203 17.04 -18.28 -8.44
CA LEU A 203 16.53 -16.92 -8.54
C LEU A 203 17.02 -16.04 -7.39
N PHE A 204 17.19 -16.61 -6.20
CA PHE A 204 17.64 -15.85 -5.03
C PHE A 204 18.99 -16.35 -4.53
N GLN A 205 19.74 -17.07 -5.37
CA GLN A 205 21.08 -17.52 -5.06
C GLN A 205 21.18 -18.10 -3.66
N ILE A 206 20.21 -18.96 -3.32
CA ILE A 206 20.28 -19.71 -2.08
C ILE A 206 21.55 -20.56 -2.08
N MET A 207 22.26 -20.55 -0.96
CA MET A 207 23.50 -21.30 -0.87
C MET A 207 23.19 -22.75 -0.51
N GLY A 208 24.00 -23.67 -1.06
CA GLY A 208 23.67 -25.08 -0.96
C GLY A 208 23.51 -25.55 0.47
N PHE A 209 24.43 -25.16 1.36
CA PHE A 209 24.40 -25.69 2.72
C PHE A 209 23.15 -25.25 3.47
N ASN A 210 22.43 -24.24 2.98
CA ASN A 210 21.17 -23.82 3.57
C ASN A 210 19.99 -24.67 3.13
N CYS A 211 20.26 -25.87 2.59
CA CYS A 211 19.19 -26.71 2.06
C CYS A 211 18.16 -27.03 3.13
N GLN A 212 18.62 -27.43 4.32
CA GLN A 212 17.68 -27.80 5.39
C GLN A 212 16.83 -26.62 5.82
N ILE A 213 17.41 -25.42 5.84
CA ILE A 213 16.63 -24.23 6.20
C ILE A 213 15.44 -24.06 5.26
N CYS A 214 15.62 -24.39 3.99
CA CYS A 214 14.58 -24.25 2.97
C CYS A 214 13.79 -25.54 2.76
N GLY A 215 13.85 -26.47 3.71
CA GLY A 215 13.03 -27.67 3.62
C GLY A 215 13.54 -28.76 2.71
N TYR A 216 14.85 -29.01 2.70
CA TYR A 216 15.41 -30.12 1.96
C TYR A 216 16.32 -30.93 2.87
N PRO A 217 16.39 -32.25 2.65
CA PRO A 217 17.25 -33.07 3.50
C PRO A 217 18.73 -32.83 3.25
N ASN A 218 19.14 -32.66 2.00
CA ASN A 218 20.53 -32.42 1.66
C ASN A 218 20.60 -31.46 0.48
N ALA A 219 21.82 -31.01 0.17
CA ALA A 219 21.99 -29.98 -0.86
C ALA A 219 21.65 -30.50 -2.25
N LYS A 220 21.96 -31.76 -2.53
CA LYS A 220 21.70 -32.30 -3.86
C LYS A 220 20.21 -32.26 -4.19
N GLU A 221 19.36 -32.61 -3.23
CA GLU A 221 17.93 -32.59 -3.48
C GLU A 221 17.44 -31.16 -3.72
N MET A 222 17.95 -30.20 -2.96
CA MET A 222 17.56 -28.81 -3.19
C MET A 222 17.94 -28.37 -4.60
N PHE A 223 19.15 -28.74 -5.04
CA PHE A 223 19.58 -28.42 -6.39
C PHE A 223 18.65 -29.03 -7.43
N THR A 224 18.42 -30.34 -7.33
CA THR A 224 17.58 -31.02 -8.32
C THR A 224 16.19 -30.40 -8.37
N ASP A 225 15.58 -30.18 -7.21
CA ASP A 225 14.26 -29.57 -7.20
C ASP A 225 14.30 -28.18 -7.81
N PHE A 226 15.35 -27.40 -7.50
CA PHE A 226 15.49 -26.09 -8.11
C PHE A 226 15.51 -26.19 -9.63
N LEU A 227 15.95 -27.34 -10.16
CA LEU A 227 15.94 -27.51 -11.60
C LEU A 227 14.53 -27.54 -12.19
N THR A 228 13.49 -27.72 -11.37
CA THR A 228 12.14 -27.78 -11.91
C THR A 228 11.68 -26.43 -12.43
N GLY A 229 11.91 -25.36 -11.68
CA GLY A 229 11.49 -24.05 -12.12
C GLY A 229 11.79 -23.01 -11.05
N GLU A 230 11.44 -21.76 -11.39
CA GLU A 230 11.68 -20.65 -10.48
C GLU A 230 10.75 -20.68 -9.27
N ARG A 231 9.64 -21.41 -9.34
CA ARG A 231 8.74 -21.50 -8.20
C ARG A 231 9.41 -22.16 -7.00
N ALA A 232 10.17 -23.22 -7.24
CA ALA A 232 10.91 -23.85 -6.15
C ALA A 232 11.89 -22.86 -5.53
N HIS A 233 12.55 -22.06 -6.36
CA HIS A 233 13.44 -21.03 -5.86
C HIS A 233 12.67 -20.07 -4.95
N LEU A 234 11.51 -19.60 -5.40
CA LEU A 234 10.74 -18.64 -4.62
C LEU A 234 10.32 -19.23 -3.28
N LEU A 235 9.85 -20.48 -3.29
CA LEU A 235 9.36 -21.09 -2.04
C LEU A 235 10.51 -21.37 -1.07
N ALA A 236 11.67 -21.80 -1.59
CA ALA A 236 12.84 -21.93 -0.74
C ALA A 236 13.24 -20.58 -0.14
N PHE A 237 13.18 -19.53 -0.95
CA PHE A 237 13.45 -18.18 -0.45
C PHE A 237 12.45 -17.79 0.64
N VAL A 238 11.18 -18.17 0.46
CA VAL A 238 10.17 -17.88 1.46
C VAL A 238 10.51 -18.58 2.78
N LYS A 239 10.89 -19.85 2.70
CA LYS A 239 11.27 -20.58 3.90
C LYS A 239 12.50 -19.95 4.54
N PHE A 240 13.45 -19.50 3.72
CA PHE A 240 14.65 -18.84 4.22
C PHE A 240 14.28 -17.58 4.99
N ILE A 241 13.35 -16.79 4.45
CA ILE A 241 12.87 -15.59 5.15
C ILE A 241 12.20 -15.99 6.46
N LYS A 242 11.37 -17.03 6.43
CA LYS A 242 10.70 -17.47 7.64
C LYS A 242 11.69 -17.95 8.69
N ALA A 243 12.87 -18.40 8.27
CA ALA A 243 13.87 -18.86 9.22
C ALA A 243 14.35 -17.72 10.12
N ASP A 244 14.52 -16.52 9.55
CA ASP A 244 14.95 -15.35 10.31
C ASP A 244 13.70 -14.67 10.85
N ALA A 245 13.44 -14.85 12.16
CA ALA A 245 12.22 -14.31 12.74
C ALA A 245 12.19 -12.79 12.66
N ASN A 246 13.33 -12.14 12.91
CA ASN A 246 13.36 -10.68 12.86
C ASN A 246 13.24 -10.17 11.43
N MET A 247 13.89 -10.84 10.47
CA MET A 247 13.74 -10.44 9.07
C MET A 247 12.31 -10.65 8.60
N TRP A 248 11.70 -11.78 8.96
CA TRP A 248 10.30 -12.01 8.63
C TRP A 248 9.41 -10.94 9.25
N LYS A 249 9.67 -10.57 10.50
CA LYS A 249 8.88 -9.53 11.14
C LYS A 249 9.06 -8.20 10.42
N ALA A 250 10.29 -7.88 10.02
CA ALA A 250 10.53 -6.64 9.28
C ALA A 250 9.74 -6.63 7.98
N LEU A 251 9.73 -7.76 7.27
CA LEU A 251 8.92 -7.85 6.05
C LEU A 251 7.43 -7.65 6.37
N LYS A 252 6.95 -8.30 7.43
CA LYS A 252 5.54 -8.18 7.81
C LYS A 252 5.20 -6.73 8.15
N ASN A 253 6.08 -6.05 8.87
CA ASN A 253 5.87 -4.66 9.24
C ASN A 253 6.18 -3.69 8.10
N LYS A 254 6.52 -4.18 6.92
CA LYS A 254 6.92 -3.32 5.81
C LYS A 254 8.06 -2.41 6.22
N ASN A 255 8.90 -2.90 7.14
CA ASN A 255 10.11 -2.21 7.59
C ASN A 255 11.20 -2.47 6.57
N TRP A 256 11.15 -1.72 5.47
CA TRP A 256 12.06 -1.98 4.36
C TRP A 256 13.53 -1.85 4.78
N ALA A 257 13.83 -0.85 5.60
CA ALA A 257 15.22 -0.67 6.04
C ALA A 257 15.71 -1.87 6.84
N GLU A 258 14.90 -2.36 7.79
CA GLU A 258 15.32 -3.49 8.60
C GLU A 258 15.49 -4.75 7.77
N PHE A 259 14.50 -5.02 6.91
CA PHE A 259 14.58 -6.21 6.06
C PHE A 259 15.80 -6.14 5.14
N ALA A 260 16.06 -4.98 4.56
CA ALA A 260 17.22 -4.82 3.69
C ALA A 260 18.52 -5.01 4.48
N ARG A 261 18.57 -4.47 5.70
CA ARG A 261 19.78 -4.62 6.51
C ARG A 261 20.04 -6.09 6.82
N ARG A 262 18.99 -6.85 7.16
CA ARG A 262 19.19 -8.24 7.52
C ARG A 262 19.44 -9.13 6.31
N TYR A 263 18.83 -8.83 5.17
CA TYR A 263 19.02 -9.66 3.98
C TYR A 263 20.16 -9.16 3.11
N ASN A 264 20.17 -7.87 2.78
CA ASN A 264 21.18 -7.32 1.88
C ASN A 264 22.50 -7.01 2.58
N GLY A 265 22.49 -6.80 3.88
CA GLY A 265 23.72 -6.53 4.62
C GLY A 265 23.80 -5.11 5.14
N PRO A 266 24.89 -4.80 5.84
CA PRO A 266 25.00 -3.47 6.46
C PRO A 266 24.97 -2.32 5.47
N ALA A 267 25.46 -2.53 4.25
CA ALA A 267 25.50 -1.49 3.23
C ALA A 267 24.21 -1.41 2.41
N TYR A 268 23.09 -1.87 2.97
CA TYR A 268 21.83 -1.82 2.24
C TYR A 268 21.51 -0.39 1.80
N ALA A 269 21.86 0.59 2.63
CA ALA A 269 21.61 1.99 2.26
C ALA A 269 22.45 2.40 1.06
N LYS A 270 23.72 1.97 1.01
CA LYS A 270 24.61 2.42 -0.05
C LYS A 270 24.08 2.01 -1.43
N ASN A 271 23.28 0.95 -1.48
CA ASN A 271 22.70 0.48 -2.73
C ASN A 271 21.21 0.79 -2.84
N GLN A 272 20.68 1.64 -1.96
CA GLN A 272 19.28 2.07 -2.02
C GLN A 272 18.33 0.89 -1.99
N TYR A 273 18.72 -0.20 -1.32
CA TYR A 273 17.89 -1.40 -1.30
C TYR A 273 16.54 -1.13 -0.64
N ASP A 274 16.56 -0.46 0.53
CA ASP A 274 15.31 -0.15 1.21
C ASP A 274 14.47 0.82 0.39
N THR A 275 15.11 1.82 -0.23
CA THR A 275 14.38 2.74 -1.11
C THR A 275 13.77 1.99 -2.29
N LYS A 276 14.53 1.08 -2.89
CA LYS A 276 14.00 0.31 -4.00
C LYS A 276 12.79 -0.51 -3.57
N LEU A 277 12.88 -1.14 -2.39
CA LEU A 277 11.74 -1.91 -1.88
C LEU A 277 10.53 -1.01 -1.70
N ALA A 278 10.74 0.17 -1.11
CA ALA A 278 9.63 1.08 -0.86
C ALA A 278 8.98 1.51 -2.17
N ALA A 279 9.79 1.88 -3.15
CA ALA A 279 9.24 2.31 -4.44
C ALA A 279 8.47 1.18 -5.12
N ALA A 280 9.02 -0.03 -5.10
CA ALA A 280 8.32 -1.16 -5.71
C ALA A 280 6.99 -1.39 -5.02
N TYR A 281 6.97 -1.34 -3.68
CA TYR A 281 5.71 -1.50 -2.97
C TYR A 281 4.70 -0.43 -3.37
N LYS A 282 5.14 0.83 -3.42
CA LYS A 282 4.22 1.89 -3.82
C LYS A 282 3.65 1.61 -5.20
N SER A 283 4.48 1.13 -6.13
CA SER A 283 3.98 0.88 -7.48
C SER A 283 3.12 -0.37 -7.56
N PHE A 284 3.15 -1.24 -6.55
CA PHE A 284 2.33 -2.45 -6.55
C PHE A 284 1.16 -2.38 -5.58
N CYS A 285 0.85 -1.20 -5.04
CA CYS A 285 -0.23 -1.05 -4.06
C CYS A 285 -1.54 -1.63 -4.57
N LEU B 25 -13.24 26.87 -4.11
CA LEU B 25 -13.44 26.41 -2.74
C LEU B 25 -12.38 25.38 -2.35
N LYS B 26 -12.23 24.35 -3.19
CA LYS B 26 -11.23 23.30 -2.98
C LYS B 26 -10.40 23.17 -4.25
N LEU B 27 -9.15 22.76 -4.09
CA LEU B 27 -8.20 22.71 -5.20
C LEU B 27 -7.33 21.46 -5.06
N GLY B 28 -7.49 20.52 -5.98
CA GLY B 28 -6.75 19.28 -6.02
C GLY B 28 -5.58 19.39 -6.96
N ASN B 29 -5.77 19.00 -8.23
CA ASN B 29 -4.70 19.04 -9.21
C ASN B 29 -5.23 19.54 -10.56
N ARG B 30 -6.09 20.55 -10.51
CA ARG B 30 -6.75 21.08 -11.70
C ARG B 30 -6.05 22.34 -12.20
N GLY B 31 -6.33 22.68 -13.45
CA GLY B 31 -5.88 23.93 -14.04
C GLY B 31 -7.01 24.92 -14.21
N SER B 32 -6.95 26.03 -13.49
CA SER B 32 -8.05 26.99 -13.38
C SER B 32 -7.45 28.34 -13.04
N GLU B 33 -8.26 29.24 -12.49
CA GLU B 33 -7.70 30.43 -11.84
C GLU B 33 -7.18 30.09 -10.45
N VAL B 34 -6.55 28.92 -10.34
CA VAL B 34 -5.78 28.52 -9.17
C VAL B 34 -4.52 29.36 -9.01
N LYS B 35 -4.10 30.06 -10.06
CA LYS B 35 -2.90 30.89 -9.96
C LYS B 35 -2.94 31.79 -8.74
N SER B 36 -4.09 32.41 -8.46
CA SER B 36 -4.19 33.26 -7.28
C SER B 36 -3.70 32.53 -6.04
N LEU B 37 -4.17 31.29 -5.83
CA LEU B 37 -3.69 30.50 -4.71
C LEU B 37 -2.17 30.45 -4.68
N GLN B 38 -1.55 30.03 -5.79
CA GLN B 38 -0.10 29.97 -5.80
C GLN B 38 0.51 31.34 -5.58
N GLN B 39 -0.13 32.39 -6.12
CA GLN B 39 0.33 33.74 -5.80
C GLN B 39 0.39 33.94 -4.30
N SER B 40 -0.70 33.60 -3.59
CA SER B 40 -0.68 33.71 -2.14
C SER B 40 0.44 32.87 -1.55
N LEU B 41 0.69 31.69 -2.13
CA LEU B 41 1.80 30.87 -1.66
C LEU B 41 3.12 31.60 -1.83
N ASN B 42 3.30 32.27 -2.98
CA ASN B 42 4.51 33.06 -3.16
C ASN B 42 4.64 34.13 -2.09
N LYS B 43 3.51 34.61 -1.57
CA LYS B 43 3.53 35.64 -0.54
C LYS B 43 4.04 35.12 0.80
N ILE B 44 4.03 33.80 1.01
CA ILE B 44 4.44 33.22 2.28
C ILE B 44 5.76 32.47 2.16
N GLY B 45 6.58 32.83 1.19
CA GLY B 45 7.90 32.25 1.03
C GLY B 45 8.00 31.12 0.03
N PHE B 46 7.23 31.15 -1.04
CA PHE B 46 7.30 30.14 -2.09
C PHE B 46 7.67 30.80 -3.42
N SER B 47 8.24 30.00 -4.31
CA SER B 47 8.68 30.48 -5.60
C SER B 47 7.99 29.72 -6.73
N LEU B 48 6.68 29.54 -6.61
CA LEU B 48 5.93 28.88 -7.67
C LEU B 48 5.79 29.80 -8.88
N VAL B 49 5.61 29.18 -10.05
CA VAL B 49 5.64 29.91 -11.32
C VAL B 49 4.41 30.77 -11.55
N ALA B 50 3.34 30.60 -10.77
CA ALA B 50 2.10 31.33 -10.98
C ALA B 50 1.48 31.00 -12.34
N ASP B 51 1.69 29.78 -12.81
CA ASP B 51 1.21 29.37 -14.13
C ASP B 51 -0.30 29.24 -14.20
N GLY B 52 -0.98 29.12 -13.06
CA GLY B 52 -2.40 28.86 -13.05
C GLY B 52 -2.78 27.39 -13.13
N ILE B 53 -1.80 26.49 -13.22
CA ILE B 53 -2.04 25.07 -13.26
C ILE B 53 -1.49 24.45 -11.98
N PHE B 54 -2.28 23.55 -11.39
CA PHE B 54 -1.90 22.89 -10.14
C PHE B 54 -0.92 21.78 -10.45
N GLY B 55 0.35 22.17 -10.62
CA GLY B 55 1.40 21.22 -10.91
C GLY B 55 1.91 20.52 -9.66
N LYS B 56 2.91 19.66 -9.87
CA LYS B 56 3.51 18.97 -8.73
C LYS B 56 4.23 19.95 -7.81
N ALA B 57 4.75 21.05 -8.37
CA ALA B 57 5.30 22.10 -7.51
C ALA B 57 4.24 22.69 -6.61
N THR B 58 3.05 22.97 -7.15
CA THR B 58 1.97 23.51 -6.34
C THR B 58 1.54 22.51 -5.27
N GLU B 59 1.42 21.24 -5.64
CA GLU B 59 1.05 20.22 -4.66
C GLU B 59 2.08 20.12 -3.55
N ASN B 60 3.37 20.18 -3.91
CA ASN B 60 4.40 20.13 -2.88
C ASN B 60 4.35 21.36 -1.98
N ALA B 61 4.07 22.53 -2.55
CA ALA B 61 3.93 23.72 -1.73
C ALA B 61 2.78 23.58 -0.75
N VAL B 62 1.65 23.05 -1.21
CA VAL B 62 0.50 22.83 -0.33
C VAL B 62 0.87 21.83 0.77
N LYS B 63 1.57 20.76 0.42
CA LYS B 63 1.98 19.78 1.42
C LYS B 63 2.91 20.41 2.45
N SER B 64 3.81 21.29 2.00
CA SER B 64 4.69 21.99 2.92
C SER B 64 3.89 22.88 3.88
N VAL B 65 2.91 23.60 3.35
CA VAL B 65 2.06 24.43 4.21
C VAL B 65 1.36 23.58 5.25
N GLN B 66 0.80 22.44 4.82
CA GLN B 66 0.09 21.57 5.75
C GLN B 66 1.04 21.02 6.82
N ALA B 67 2.24 20.62 6.43
CA ALA B 67 3.20 20.10 7.39
C ALA B 67 3.61 21.17 8.40
N GLY B 68 3.87 22.40 7.91
CA GLY B 68 4.24 23.46 8.82
C GLY B 68 3.13 23.85 9.77
N ALA B 69 1.88 23.79 9.31
CA ALA B 69 0.74 24.12 10.15
C ALA B 69 0.28 22.96 11.01
N GLY B 70 0.83 21.76 10.81
CA GLY B 70 0.35 20.59 11.49
C GLY B 70 -0.89 19.97 10.89
N LEU B 71 -1.38 20.50 9.77
CA LEU B 71 -2.60 20.02 9.17
C LEU B 71 -2.41 18.62 8.59
N VAL B 72 -3.53 18.00 8.20
CA VAL B 72 -3.45 16.74 7.48
C VAL B 72 -2.74 17.00 6.15
N ILE B 73 -1.70 16.22 5.87
CA ILE B 73 -0.88 16.45 4.69
C ILE B 73 -1.47 15.68 3.52
N ASP B 74 -2.10 16.41 2.61
CA ASP B 74 -2.63 15.87 1.36
C ASP B 74 -2.37 16.90 0.28
N GLY B 75 -2.38 16.44 -0.96
CA GLY B 75 -2.15 17.40 -2.04
C GLY B 75 -3.27 18.39 -2.24
N ILE B 76 -4.30 18.37 -1.40
CA ILE B 76 -5.53 19.12 -1.60
C ILE B 76 -5.49 20.42 -0.81
N ALA B 77 -5.67 21.54 -1.51
CA ALA B 77 -5.76 22.87 -0.90
C ALA B 77 -7.18 23.09 -0.43
N GLY B 78 -7.51 22.50 0.72
CA GLY B 78 -8.84 22.61 1.29
C GLY B 78 -9.02 23.89 2.07
N PRO B 79 -10.26 24.13 2.53
CA PRO B 79 -10.49 25.30 3.38
C PRO B 79 -9.57 25.35 4.59
N LYS B 80 -9.22 24.20 5.17
CA LYS B 80 -8.26 24.19 6.26
C LYS B 80 -6.91 24.73 5.80
N THR B 81 -6.43 24.25 4.66
CA THR B 81 -5.19 24.74 4.10
C THR B 81 -5.29 26.22 3.74
N PHE B 82 -6.43 26.64 3.20
CA PHE B 82 -6.59 28.04 2.84
C PHE B 82 -6.53 28.94 4.08
N TYR B 83 -7.22 28.55 5.14
CA TYR B 83 -7.11 29.30 6.39
C TYR B 83 -5.67 29.33 6.87
N ALA B 84 -4.96 28.21 6.75
CA ALA B 84 -3.55 28.18 7.14
C ALA B 84 -2.73 29.16 6.32
N ILE B 85 -3.02 29.29 5.03
CA ILE B 85 -2.26 30.21 4.18
C ILE B 85 -2.47 31.64 4.67
N ARG B 86 -3.73 32.01 4.90
CA ARG B 86 -3.97 33.21 5.69
C ARG B 86 -3.57 32.91 7.12
N ASN B 87 -3.57 33.93 7.97
CA ASN B 87 -3.14 33.71 9.35
C ASN B 87 -1.68 33.23 9.41
N ALA B 88 -0.90 33.56 8.39
CA ALA B 88 0.55 33.40 8.40
C ALA B 88 0.99 31.97 8.74
N GLY B 89 0.40 31.00 8.05
CA GLY B 89 0.87 29.63 8.19
C GLY B 89 0.41 28.91 9.43
N ASP B 90 -0.48 29.50 10.21
CA ASP B 90 -1.01 28.89 11.43
C ASP B 90 -2.40 28.32 11.15
N ALA B 91 -2.63 27.11 11.63
CA ALA B 91 -3.89 26.41 11.41
C ALA B 91 -4.83 26.60 12.59
N HIS B 92 -6.13 26.50 12.31
CA HIS B 92 -7.12 26.64 13.36
C HIS B 92 -7.02 25.48 14.35
N GLN B 93 -7.12 25.81 15.64
CA GLN B 93 -6.92 24.80 16.68
C GLN B 93 -7.99 23.70 16.61
N GLU B 94 -9.16 24.00 16.06
CA GLU B 94 -10.22 23.00 15.93
C GLU B 94 -10.12 22.19 14.65
N HIS B 95 -9.14 22.49 13.79
CA HIS B 95 -8.99 21.79 12.53
C HIS B 95 -8.25 20.46 12.70
N LEU B 96 -8.63 19.49 11.85
CA LEU B 96 -8.06 18.16 11.93
C LEU B 96 -6.60 18.17 11.49
N THR B 97 -5.74 17.56 12.28
CA THR B 97 -4.31 17.55 12.04
C THR B 97 -3.84 16.15 11.66
N GLU B 98 -2.62 16.08 11.10
CA GLU B 98 -2.02 14.79 10.80
C GLU B 98 -1.89 13.94 12.05
N ALA B 99 -1.55 14.56 13.18
CA ALA B 99 -1.47 13.81 14.44
C ALA B 99 -2.80 13.18 14.79
N ASP B 100 -3.90 13.89 14.54
CA ASP B 100 -5.22 13.31 14.78
C ASP B 100 -5.41 12.04 13.97
N LEU B 101 -5.05 12.08 12.69
CA LEU B 101 -5.22 10.90 11.84
C LEU B 101 -4.30 9.77 12.28
N VAL B 102 -3.07 10.09 12.68
CA VAL B 102 -2.16 9.05 13.16
C VAL B 102 -2.75 8.37 14.40
N ASP B 103 -3.27 9.18 15.32
CA ASP B 103 -3.89 8.63 16.52
C ASP B 103 -5.11 7.77 16.18
N ALA B 104 -5.93 8.23 15.24
CA ALA B 104 -7.11 7.47 14.84
C ALA B 104 -6.71 6.13 14.23
N ALA B 105 -5.71 6.14 13.34
CA ALA B 105 -5.23 4.90 12.76
C ALA B 105 -4.69 3.96 13.83
N ARG B 106 -3.94 4.51 14.80
CA ARG B 106 -3.45 3.70 15.90
C ARG B 106 -4.60 3.05 16.66
N GLU B 107 -5.61 3.86 17.02
CA GLU B 107 -6.74 3.34 17.77
C GLU B 107 -7.49 2.28 16.98
N LEU B 108 -7.48 2.39 15.65
CA LEU B 108 -8.13 1.40 14.80
C LEU B 108 -7.20 0.25 14.41
N GLY B 109 -5.90 0.35 14.70
CA GLY B 109 -4.98 -0.70 14.32
C GLY B 109 -4.84 -0.89 12.83
N VAL B 110 -4.80 0.21 12.08
CA VAL B 110 -4.63 0.18 10.63
C VAL B 110 -3.51 1.12 10.25
N GLU B 111 -3.03 0.98 9.01
CA GLU B 111 -1.98 1.86 8.51
C GLU B 111 -2.51 3.29 8.42
N LEU B 112 -1.58 4.25 8.51
CA LEU B 112 -1.96 5.64 8.36
C LEU B 112 -2.61 5.88 7.00
N ALA B 113 -2.16 5.17 5.96
CA ALA B 113 -2.73 5.36 4.63
C ALA B 113 -4.22 5.01 4.61
N SER B 114 -4.60 3.91 5.27
CA SER B 114 -6.01 3.55 5.34
C SER B 114 -6.83 4.62 6.05
N MET B 115 -6.30 5.13 7.18
CA MET B 115 -6.99 6.19 7.91
C MET B 115 -7.17 7.42 7.02
N LYS B 116 -6.11 7.80 6.31
CA LYS B 116 -6.17 8.98 5.45
C LYS B 116 -7.17 8.78 4.32
N ALA B 117 -7.19 7.58 3.74
CA ALA B 117 -8.14 7.30 2.67
C ALA B 117 -9.57 7.40 3.17
N VAL B 118 -9.87 6.76 4.31
CA VAL B 118 -11.23 6.79 4.82
C VAL B 118 -11.63 8.21 5.20
N ASN B 119 -10.72 8.96 5.83
CA ASN B 119 -11.02 10.35 6.15
C ASN B 119 -11.32 11.15 4.89
N GLN B 120 -10.46 11.00 3.87
CA GLN B 120 -10.61 11.78 2.65
C GLN B 120 -11.94 11.47 1.97
N VAL B 121 -12.36 10.21 1.97
CA VAL B 121 -13.53 9.83 1.21
C VAL B 121 -14.82 10.08 2.00
N GLU B 122 -14.83 9.71 3.27
CA GLU B 122 -16.07 9.66 4.05
C GLU B 122 -16.35 10.95 4.81
N SER B 123 -15.32 11.69 5.22
CA SER B 123 -15.57 12.92 5.97
C SER B 123 -16.29 13.93 5.09
N ARG B 124 -17.02 14.83 5.74
CA ARG B 124 -17.69 15.94 5.07
C ARG B 124 -16.75 17.09 4.74
N GLY B 125 -15.44 16.84 4.69
CA GLY B 125 -14.48 17.89 4.44
C GLY B 125 -14.14 18.69 5.68
N THR B 126 -15.12 19.40 6.21
CA THR B 126 -14.93 20.22 7.40
C THR B 126 -16.06 19.94 8.39
N GLY B 127 -15.72 19.99 9.68
CA GLY B 127 -16.70 19.75 10.72
C GLY B 127 -17.56 20.94 11.10
N PHE B 128 -17.24 22.12 10.59
CA PHE B 128 -17.96 23.34 10.92
C PHE B 128 -18.26 24.12 9.65
N THR B 129 -19.30 24.94 9.72
CA THR B 129 -19.78 25.68 8.56
C THR B 129 -18.85 26.85 8.27
N LYS B 130 -19.24 27.68 7.29
CA LYS B 130 -18.43 28.84 6.94
C LYS B 130 -18.22 29.72 8.16
N THR B 131 -19.16 29.67 9.11
CA THR B 131 -19.02 30.34 10.39
C THR B 131 -18.45 29.35 11.40
N GLY B 132 -18.38 29.75 12.65
CA GLY B 132 -17.86 28.83 13.64
C GLY B 132 -18.79 27.72 14.07
N LYS B 133 -20.03 27.75 13.61
CA LYS B 133 -21.02 26.76 14.02
C LYS B 133 -20.72 25.37 13.46
N ILE B 134 -21.01 24.36 14.27
CA ILE B 134 -20.76 22.97 13.89
C ILE B 134 -21.75 22.54 12.81
N LYS B 135 -21.29 21.64 11.93
CA LYS B 135 -22.14 21.13 10.86
C LYS B 135 -23.21 20.22 11.45
N THR B 136 -24.47 20.55 11.21
CA THR B 136 -25.59 19.83 11.81
C THR B 136 -26.65 19.52 10.77
N LEU B 137 -27.32 18.38 10.95
CA LEU B 137 -28.54 18.05 10.22
C LEU B 137 -29.54 17.44 11.19
N PHE B 138 -30.72 18.06 11.28
CA PHE B 138 -31.77 17.59 12.18
C PHE B 138 -32.69 16.61 11.46
N GLU B 139 -32.86 15.43 12.06
CA GLU B 139 -33.66 14.37 11.48
C GLU B 139 -35.01 14.35 12.19
N ARG B 140 -36.03 14.89 11.53
CA ARG B 140 -37.32 15.06 12.19
C ARG B 140 -38.03 13.74 12.44
N HIS B 141 -37.83 12.75 11.57
CA HIS B 141 -38.49 11.45 11.78
C HIS B 141 -37.85 10.70 12.94
N ILE B 142 -36.52 10.82 13.09
CA ILE B 142 -35.88 10.27 14.28
C ILE B 142 -36.39 10.98 15.53
N MET B 143 -36.56 12.30 15.44
CA MET B 143 -37.16 13.04 16.55
C MET B 143 -38.53 12.47 16.89
N TYR B 144 -39.34 12.19 15.87
CA TYR B 144 -40.67 11.64 16.10
C TYR B 144 -40.60 10.29 16.80
N LYS B 145 -39.71 9.42 16.32
CA LYS B 145 -39.58 8.10 16.94
C LYS B 145 -39.15 8.22 18.40
N LYS B 146 -38.16 9.07 18.66
CA LYS B 146 -37.67 9.26 20.03
C LYS B 146 -38.76 9.84 20.92
N VAL B 147 -39.50 10.84 20.43
CA VAL B 147 -40.56 11.45 21.21
C VAL B 147 -41.64 10.43 21.51
N ALA B 148 -42.01 9.62 20.52
CA ALA B 148 -43.00 8.58 20.76
C ALA B 148 -42.51 7.62 21.84
N ALA B 149 -41.25 7.19 21.74
CA ALA B 149 -40.73 6.23 22.72
C ALA B 149 -40.70 6.84 24.13
N LYS B 150 -40.44 8.14 24.24
CA LYS B 150 -40.30 8.74 25.56
C LYS B 150 -41.64 9.13 26.18
N PHE B 151 -42.56 9.69 25.39
CA PHE B 151 -43.80 10.26 25.92
C PHE B 151 -45.07 9.65 25.36
N GLY B 152 -45.01 8.47 24.74
CA GLY B 152 -46.22 7.92 24.17
C GLY B 152 -46.41 8.34 22.72
N GLN B 153 -46.96 7.41 21.93
CA GLN B 153 -47.33 7.75 20.56
C GLN B 153 -48.34 8.89 20.51
N ALA B 154 -49.16 9.03 21.55
CA ALA B 154 -50.13 10.12 21.55
C ALA B 154 -49.45 11.48 21.50
N ARG B 155 -48.46 11.70 22.38
CA ARG B 155 -47.74 12.96 22.33
C ARG B 155 -46.90 13.06 21.08
N ALA B 156 -46.38 11.94 20.58
CA ALA B 156 -45.67 11.98 19.31
C ALA B 156 -46.57 12.53 18.20
N ASN B 157 -47.80 12.02 18.13
CA ASN B 157 -48.76 12.50 17.14
C ASN B 157 -49.10 13.98 17.35
N ALA B 158 -49.31 14.39 18.60
CA ALA B 158 -49.65 15.78 18.86
C ALA B 158 -48.54 16.72 18.42
N LEU B 159 -47.28 16.38 18.74
CA LEU B 159 -46.16 17.20 18.32
C LEU B 159 -45.95 17.13 16.81
N TYR B 160 -46.28 16.01 16.19
CA TYR B 160 -46.29 15.93 14.73
C TYR B 160 -47.25 16.94 14.14
N GLN B 161 -48.47 16.99 14.67
CA GLN B 161 -49.47 17.94 14.17
C GLN B 161 -49.04 19.37 14.41
N LEU B 162 -48.46 19.65 15.58
CA LEU B 162 -48.13 21.04 15.91
C LEU B 162 -46.88 21.54 15.20
N TYR B 163 -45.85 20.70 15.11
CA TYR B 163 -44.56 21.10 14.54
C TYR B 163 -44.09 20.04 13.55
N PRO B 164 -44.76 19.94 12.40
CA PRO B 164 -44.42 18.87 11.45
C PRO B 164 -43.02 18.98 10.87
N THR B 165 -42.39 20.15 10.92
CA THR B 165 -41.01 20.28 10.46
C THR B 165 -40.00 19.77 11.48
N LEU B 166 -40.38 19.70 12.75
CA LEU B 166 -39.49 19.23 13.81
C LEU B 166 -39.82 17.83 14.29
N VAL B 167 -41.10 17.51 14.45
CA VAL B 167 -41.55 16.17 14.83
C VAL B 167 -42.44 15.65 13.71
N ASN B 168 -42.06 14.54 13.10
CA ASN B 168 -42.77 14.02 11.94
C ASN B 168 -42.39 12.58 11.67
N PRO B 169 -43.37 11.70 11.42
CA PRO B 169 -43.03 10.30 11.11
C PRO B 169 -42.17 10.15 9.86
N ASN B 170 -42.31 11.05 8.89
CA ASN B 170 -41.66 10.92 7.60
C ASN B 170 -40.32 11.68 7.58
N SER B 171 -39.54 11.42 6.53
CA SER B 171 -38.18 11.94 6.47
C SER B 171 -38.16 13.46 6.45
N GLY B 172 -37.09 14.02 7.02
CA GLY B 172 -37.13 15.40 7.46
C GLY B 172 -37.34 16.39 6.33
N GLY B 173 -37.87 17.55 6.72
CA GLY B 173 -37.93 18.71 5.85
C GLY B 173 -36.68 19.57 6.02
N TYR B 174 -35.57 19.10 5.47
CA TYR B 174 -34.27 19.73 5.71
C TYR B 174 -34.20 21.11 5.06
N ILE B 175 -33.24 21.90 5.54
CA ILE B 175 -32.84 23.16 4.91
C ILE B 175 -31.33 23.27 4.95
N GLY B 176 -30.79 24.42 4.53
CA GLY B 176 -29.36 24.66 4.55
C GLY B 176 -28.70 24.31 5.87
N GLY B 177 -27.37 24.18 5.86
CA GLY B 177 -26.68 23.65 7.03
C GLY B 177 -26.83 24.52 8.26
N ASP B 178 -26.64 25.84 8.09
CA ASP B 178 -26.59 26.72 9.26
C ASP B 178 -27.92 26.74 10.00
N ALA B 179 -29.03 26.73 9.26
CA ALA B 179 -30.34 26.73 9.89
C ALA B 179 -30.62 25.47 10.68
N GLU B 180 -29.92 24.37 10.37
CA GLU B 180 -30.17 23.12 11.09
C GLU B 180 -29.94 23.27 12.58
N LEU B 181 -29.04 24.17 12.98
CA LEU B 181 -28.87 24.44 14.41
C LEU B 181 -30.12 25.08 14.99
N GLU B 182 -30.75 25.98 14.24
CA GLU B 182 -32.01 26.57 14.69
C GLU B 182 -33.10 25.50 14.79
N ARG B 183 -33.16 24.60 13.82
CA ARG B 183 -34.10 23.49 13.92
C ARG B 183 -33.84 22.66 15.18
N LEU B 184 -32.57 22.39 15.47
CA LEU B 184 -32.22 21.65 16.67
C LEU B 184 -32.69 22.40 17.92
N GLN B 185 -32.48 23.71 17.96
CA GLN B 185 -32.90 24.49 19.11
C GLN B 185 -34.42 24.42 19.28
N GLY B 186 -35.16 24.53 18.18
CA GLY B 186 -36.60 24.38 18.25
C GLY B 186 -36.99 23.03 18.82
N ALA B 187 -36.24 22.00 18.46
CA ALA B 187 -36.52 20.68 19.01
C ALA B 187 -36.22 20.60 20.50
N ILE B 188 -35.08 21.15 20.95
CA ILE B 188 -34.79 21.11 22.39
C ILE B 188 -35.88 21.85 23.16
N ALA B 189 -36.46 22.90 22.55
CA ALA B 189 -37.61 23.54 23.18
C ALA B 189 -38.69 22.52 23.50
N LEU B 190 -38.82 21.48 22.67
CA LEU B 190 -39.80 20.43 22.92
C LEU B 190 -39.29 19.42 23.95
N ASP B 191 -38.14 18.79 23.69
CA ASP B 191 -37.44 17.99 24.69
C ASP B 191 -35.96 17.96 24.35
N GLU B 192 -35.12 18.23 25.36
CA GLU B 192 -33.69 18.33 25.10
C GLU B 192 -33.09 17.00 24.68
N ASP B 193 -33.38 15.93 25.42
CA ASP B 193 -32.75 14.64 25.14
C ASP B 193 -33.10 14.17 23.73
N CYS B 194 -34.38 14.19 23.39
CA CYS B 194 -34.80 13.75 22.06
C CYS B 194 -34.16 14.62 20.98
N ALA B 195 -34.15 15.94 21.18
CA ALA B 195 -33.59 16.83 20.17
C ALA B 195 -32.13 16.53 19.91
N TYR B 196 -31.33 16.41 20.99
CA TYR B 196 -29.91 16.13 20.81
C TYR B 196 -29.67 14.74 20.23
N GLU B 197 -30.55 13.78 20.55
CA GLU B 197 -30.39 12.44 19.99
C GLU B 197 -30.86 12.36 18.53
N SER B 198 -31.61 13.33 18.04
CA SER B 198 -32.24 13.26 16.74
C SER B 198 -31.55 14.11 15.68
N ALA B 199 -30.25 14.37 15.84
CA ALA B 199 -29.50 15.17 14.88
C ALA B 199 -28.10 14.61 14.71
N SER B 200 -27.54 14.84 13.52
CA SER B 200 -26.19 14.41 13.19
C SER B 200 -25.26 15.61 13.16
N TYR B 201 -24.06 15.44 13.71
CA TYR B 201 -23.12 16.52 13.91
C TYR B 201 -21.73 16.15 13.39
N GLY B 202 -20.99 17.17 12.96
CA GLY B 202 -19.55 17.05 12.84
C GLY B 202 -19.05 16.53 11.51
N LEU B 203 -17.77 16.18 11.53
CA LEU B 203 -17.04 15.83 10.31
C LEU B 203 -17.61 14.59 9.64
N PHE B 204 -18.10 13.63 10.44
CA PHE B 204 -18.65 12.39 9.91
C PHE B 204 -20.14 12.26 10.21
N GLN B 205 -20.81 13.35 10.55
CA GLN B 205 -22.24 13.38 10.78
C GLN B 205 -22.67 12.23 11.68
N ILE B 206 -21.92 12.04 12.77
CA ILE B 206 -22.33 11.08 13.78
C ILE B 206 -23.69 11.48 14.32
N MET B 207 -24.60 10.51 14.42
CA MET B 207 -25.95 10.78 14.86
C MET B 207 -26.04 10.78 16.38
N GLY B 208 -26.93 11.63 16.89
CA GLY B 208 -26.96 11.86 18.33
C GLY B 208 -27.14 10.59 19.14
N PHE B 209 -28.07 9.73 18.71
CA PHE B 209 -28.36 8.55 19.51
C PHE B 209 -27.19 7.60 19.58
N ASN B 210 -26.21 7.73 18.68
CA ASN B 210 -25.00 6.92 18.72
C ASN B 210 -23.98 7.46 19.71
N CYS B 211 -24.39 8.35 20.61
CA CYS B 211 -23.45 8.96 21.55
C CYS B 211 -22.75 7.91 22.40
N GLN B 212 -23.51 6.96 22.94
CA GLN B 212 -22.93 5.94 23.79
C GLN B 212 -21.95 5.06 23.00
N ILE B 213 -22.26 4.79 21.73
CA ILE B 213 -21.35 4.02 20.91
C ILE B 213 -20.01 4.73 20.80
N CYS B 214 -20.04 6.06 20.76
CA CYS B 214 -18.84 6.87 20.62
C CYS B 214 -18.28 7.32 21.97
N GLY B 215 -18.64 6.63 23.05
CA GLY B 215 -18.06 6.89 24.36
C GLY B 215 -18.59 8.12 25.07
N TYR B 216 -19.89 8.37 25.00
CA TYR B 216 -20.51 9.46 25.74
C TYR B 216 -21.71 8.95 26.50
N PRO B 217 -22.01 9.54 27.66
CA PRO B 217 -23.20 9.09 28.40
C PRO B 217 -24.50 9.50 27.73
N ASN B 218 -24.54 10.69 27.14
CA ASN B 218 -25.74 11.19 26.49
C ASN B 218 -25.34 12.02 25.27
N ALA B 219 -26.35 12.35 24.46
CA ALA B 219 -26.10 13.07 23.22
C ALA B 219 -25.63 14.50 23.46
N LYS B 220 -26.15 15.16 24.51
CA LYS B 220 -25.77 16.55 24.76
C LYS B 220 -24.27 16.68 25.00
N GLU B 221 -23.71 15.78 25.81
CA GLU B 221 -22.27 15.83 26.08
C GLU B 221 -21.47 15.54 24.82
N MET B 222 -21.93 14.59 24.00
CA MET B 222 -21.23 14.33 22.74
C MET B 222 -21.24 15.57 21.85
N PHE B 223 -22.37 16.27 21.79
CA PHE B 223 -22.45 17.52 21.04
C PHE B 223 -21.45 18.54 21.56
N THR B 224 -21.47 18.78 22.88
CA THR B 224 -20.56 19.76 23.45
C THR B 224 -19.11 19.39 23.13
N ASP B 225 -18.74 18.12 23.29
CA ASP B 225 -17.38 17.71 22.96
C ASP B 225 -17.07 17.97 21.49
N PHE B 226 -18.02 17.66 20.60
CA PHE B 226 -17.81 17.95 19.19
C PHE B 226 -17.55 19.43 18.96
N LEU B 227 -18.06 20.29 19.84
CA LEU B 227 -17.79 21.72 19.68
C LEU B 227 -16.33 22.08 19.94
N THR B 228 -15.56 21.20 20.59
CA THR B 228 -14.17 21.52 20.89
C THR B 228 -13.33 21.56 19.62
N GLY B 229 -13.49 20.59 18.74
CA GLY B 229 -12.72 20.54 17.51
C GLY B 229 -13.05 19.29 16.73
N GLU B 230 -12.41 19.18 15.56
CA GLU B 230 -12.64 18.04 14.68
C GLU B 230 -12.04 16.75 15.24
N ARG B 231 -11.13 16.85 16.20
CA ARG B 231 -10.54 15.65 16.79
C ARG B 231 -11.61 14.80 17.46
N ALA B 232 -12.54 15.43 18.17
CA ALA B 232 -13.63 14.67 18.77
C ALA B 232 -14.46 13.97 17.71
N HIS B 233 -14.73 14.65 16.60
CA HIS B 233 -15.45 14.02 15.50
C HIS B 233 -14.71 12.77 15.02
N LEU B 234 -13.40 12.90 14.80
CA LEU B 234 -12.62 11.79 14.29
C LEU B 234 -12.61 10.61 15.25
N LEU B 235 -12.43 10.88 16.54
CA LEU B 235 -12.35 9.79 17.52
C LEU B 235 -13.71 9.11 17.70
N ALA B 236 -14.79 9.90 17.67
CA ALA B 236 -16.13 9.30 17.70
C ALA B 236 -16.36 8.44 16.47
N PHE B 237 -15.90 8.90 15.31
CA PHE B 237 -16.01 8.11 14.09
C PHE B 237 -15.24 6.80 14.21
N VAL B 238 -14.06 6.85 14.81
CA VAL B 238 -13.28 5.64 15.02
C VAL B 238 -14.03 4.67 15.93
N LYS B 239 -14.59 5.18 17.02
CA LYS B 239 -15.35 4.32 17.92
C LYS B 239 -16.56 3.73 17.23
N PHE B 240 -17.23 4.52 16.38
CA PHE B 240 -18.37 4.03 15.63
C PHE B 240 -17.96 2.88 14.71
N ILE B 241 -16.82 3.03 14.03
CA ILE B 241 -16.32 1.95 13.19
C ILE B 241 -16.02 0.71 14.04
N LYS B 242 -15.39 0.92 15.20
CA LYS B 242 -15.06 -0.21 16.08
C LYS B 242 -16.32 -0.91 16.56
N ALA B 243 -17.46 -0.21 16.61
CA ALA B 243 -18.70 -0.83 17.04
C ALA B 243 -19.14 -1.93 16.07
N ASP B 244 -18.97 -1.70 14.77
CA ASP B 244 -19.31 -2.68 13.75
C ASP B 244 -18.10 -3.57 13.48
N ALA B 245 -18.14 -4.80 14.00
CA ALA B 245 -17.00 -5.69 13.87
C ALA B 245 -16.69 -6.01 12.41
N ASN B 246 -17.73 -6.23 11.60
CA ASN B 246 -17.49 -6.55 10.19
C ASN B 246 -16.97 -5.35 9.43
N MET B 247 -17.49 -4.15 9.73
CA MET B 247 -16.97 -2.95 9.08
C MET B 247 -15.51 -2.70 9.44
N TRP B 248 -15.18 -2.88 10.72
CA TRP B 248 -13.80 -2.76 11.16
C TRP B 248 -12.90 -3.79 10.47
N LYS B 249 -13.36 -5.03 10.37
CA LYS B 249 -12.57 -6.06 9.70
C LYS B 249 -12.37 -5.70 8.22
N ALA B 250 -13.41 -5.21 7.57
CA ALA B 250 -13.29 -4.81 6.17
C ALA B 250 -12.26 -3.69 6.02
N LEU B 251 -12.27 -2.73 6.93
CA LEU B 251 -11.27 -1.66 6.88
C LEU B 251 -9.86 -2.24 7.07
N LYS B 252 -9.70 -3.13 8.05
CA LYS B 252 -8.37 -3.71 8.30
C LYS B 252 -7.88 -4.48 7.08
N ASN B 253 -8.75 -5.27 6.45
CA ASN B 253 -8.39 -6.02 5.27
C ASN B 253 -8.36 -5.17 4.01
N LYS B 254 -8.58 -3.86 4.12
CA LYS B 254 -8.64 -2.96 2.97
C LYS B 254 -9.66 -3.46 1.94
N ASN B 255 -10.73 -4.08 2.44
CA ASN B 255 -11.86 -4.52 1.62
C ASN B 255 -12.74 -3.30 1.35
N TRP B 256 -12.30 -2.51 0.37
CA TRP B 256 -12.96 -1.22 0.13
C TRP B 256 -14.42 -1.40 -0.24
N ALA B 257 -14.73 -2.41 -1.06
CA ALA B 257 -16.12 -2.64 -1.43
C ALA B 257 -16.95 -3.02 -0.20
N GLU B 258 -16.42 -3.92 0.64
CA GLU B 258 -17.16 -4.35 1.82
C GLU B 258 -17.36 -3.19 2.79
N PHE B 259 -16.29 -2.44 3.07
CA PHE B 259 -16.41 -1.32 3.99
C PHE B 259 -17.38 -0.27 3.47
N ALA B 260 -17.29 0.07 2.19
CA ALA B 260 -18.20 1.05 1.62
C ALA B 260 -19.64 0.56 1.67
N ARG B 261 -19.86 -0.73 1.39
CA ARG B 261 -21.21 -1.28 1.45
C ARG B 261 -21.76 -1.19 2.86
N ARG B 262 -20.94 -1.49 3.87
CA ARG B 262 -21.42 -1.45 5.24
C ARG B 262 -21.60 -0.03 5.76
N TYR B 263 -20.75 0.90 5.33
CA TYR B 263 -20.82 2.28 5.79
C TYR B 263 -21.67 3.16 4.88
N ASN B 264 -21.39 3.15 3.57
CA ASN B 264 -22.10 4.02 2.64
C ASN B 264 -23.46 3.46 2.23
N GLY B 265 -23.65 2.15 2.31
CA GLY B 265 -24.92 1.56 1.98
C GLY B 265 -24.85 0.73 0.71
N PRO B 266 -25.97 0.12 0.33
CA PRO B 266 -25.96 -0.77 -0.85
C PRO B 266 -25.55 -0.06 -2.13
N ALA B 267 -25.82 1.23 -2.25
CA ALA B 267 -25.49 1.99 -3.45
C ALA B 267 -24.07 2.51 -3.45
N TYR B 268 -23.17 1.89 -2.68
CA TYR B 268 -21.78 2.33 -2.68
C TYR B 268 -21.20 2.32 -4.09
N ALA B 269 -21.62 1.37 -4.93
CA ALA B 269 -21.13 1.33 -6.30
C ALA B 269 -21.61 2.53 -7.10
N LYS B 270 -22.88 2.94 -6.91
CA LYS B 270 -23.43 4.02 -7.71
C LYS B 270 -22.65 5.31 -7.54
N ASN B 271 -22.00 5.48 -6.39
CA ASN B 271 -21.21 6.67 -6.11
C ASN B 271 -19.70 6.41 -6.09
N GLN B 272 -19.26 5.24 -6.57
CA GLN B 272 -17.84 4.93 -6.67
C GLN B 272 -17.12 5.02 -5.33
N TYR B 273 -17.82 4.71 -4.24
CA TYR B 273 -17.22 4.87 -2.91
C TYR B 273 -16.01 3.96 -2.75
N ASP B 274 -16.15 2.69 -3.13
CA ASP B 274 -15.03 1.76 -3.03
C ASP B 274 -13.89 2.17 -3.95
N THR B 275 -14.22 2.61 -5.17
CA THR B 275 -13.20 3.08 -6.09
C THR B 275 -12.46 4.29 -5.52
N LYS B 276 -13.21 5.23 -4.93
CA LYS B 276 -12.59 6.40 -4.33
C LYS B 276 -11.67 6.01 -3.19
N LEU B 277 -12.12 5.08 -2.34
CA LEU B 277 -11.28 4.62 -1.23
C LEU B 277 -9.99 3.99 -1.75
N ALA B 278 -10.11 3.14 -2.78
CA ALA B 278 -8.94 2.48 -3.32
C ALA B 278 -7.95 3.49 -3.89
N ALA B 279 -8.45 4.47 -4.66
CA ALA B 279 -7.57 5.47 -5.23
C ALA B 279 -6.90 6.30 -4.15
N ALA B 280 -7.64 6.69 -3.13
CA ALA B 280 -7.06 7.47 -2.03
C ALA B 280 -5.96 6.67 -1.33
N TYR B 281 -6.24 5.39 -1.04
CA TYR B 281 -5.22 4.56 -0.41
C TYR B 281 -3.98 4.45 -1.28
N LYS B 282 -4.18 4.22 -2.59
CA LYS B 282 -3.03 4.14 -3.48
C LYS B 282 -2.21 5.42 -3.43
N SER B 283 -2.88 6.57 -3.35
CA SER B 283 -2.18 7.84 -3.29
C SER B 283 -1.53 8.10 -1.94
N PHE B 284 -1.93 7.37 -0.90
CA PHE B 284 -1.37 7.56 0.43
C PHE B 284 -0.46 6.41 0.88
N CYS B 285 -0.05 5.53 -0.03
CA CYS B 285 0.78 4.37 0.35
C CYS B 285 2.02 4.79 1.13
#